data_3REU
#
_entry.id   3REU
#
_cell.length_a   58.470
_cell.length_b   61.180
_cell.length_c   156.940
_cell.angle_alpha   90.00
_cell.angle_beta   90.00
_cell.angle_gamma   90.00
#
_symmetry.space_group_name_H-M   'P 21 21 21'
#
loop_
_entity.id
_entity.type
_entity.pdbx_description
1 polymer 'AsnS-like asparaginyl-tRNA synthetase related protein'
2 non-polymer 'MAGNESIUM ION'
3 non-polymer "ADENOSINE-5'-TRIPHOSPHATE"
4 non-polymer 'ASPARTIC ACID'
5 water water
#
_entity_poly.entity_id   1
_entity_poly.type   'polypeptide(L)'
_entity_poly.pdbx_seq_one_letter_code
;MNAVEIISRDIYKAIDIQTKILDYMTKFFTDRGFKWLLPIMLSPITDPLWPDPAGEGIRPAEVDVYGVRMRLTHSMILHK
QLAIAMGLEKIFVLSPNIRLESRRKDDGRHSYEFTQLDFEIEGAKMKDVMRLIEELIYGLFRKAEEWTGREFPRARHFKV
YDYKDILEEFGSDEKASMEMEEPFWIVNIPREFYDREENGVWKNYDLILPYGYGEVSSGGEREWEYEKIVAKIRAAGLKE
DSFRPYLEIARAGKLKPSAGAGIGVERLVRFIVGAKHIAEVQPFPRVPGIPAVI
;
_entity_poly.pdbx_strand_id   A,B
#
loop_
_chem_comp.id
_chem_comp.type
_chem_comp.name
_chem_comp.formula
ATP non-polymer ADENOSINE-5'-TRIPHOSPHATE 'C10 H16 N5 O13 P3'
MG non-polymer 'MAGNESIUM ION' 'Mg 2'
#
# COMPACT_ATOMS: atom_id res chain seq x y z
N MET A 1 -1.95 23.46 -5.74
CA MET A 1 -2.25 24.19 -4.51
C MET A 1 -1.04 24.24 -3.58
N ASN A 2 -1.05 25.18 -2.65
CA ASN A 2 -0.02 25.25 -1.62
C ASN A 2 -0.46 24.52 -0.34
N ALA A 3 0.50 24.21 0.52
CA ALA A 3 0.26 23.34 1.68
C ALA A 3 -1.01 23.70 2.46
N VAL A 4 -1.13 24.95 2.88
CA VAL A 4 -2.26 25.36 3.72
C VAL A 4 -3.60 25.23 2.99
N GLU A 5 -3.59 25.48 1.69
CA GLU A 5 -4.79 25.34 0.89
C GLU A 5 -5.21 23.87 0.85
N ILE A 6 -4.24 22.99 0.67
CA ILE A 6 -4.51 21.55 0.59
C ILE A 6 -5.21 21.04 1.85
N ILE A 7 -4.70 21.41 3.02
CA ILE A 7 -5.26 20.90 4.26
C ILE A 7 -6.56 21.59 4.66
N SER A 8 -6.95 22.62 3.89
CA SER A 8 -8.17 23.39 4.15
C SER A 8 -9.44 22.84 3.51
N ARG A 9 -9.30 21.86 2.62
CA ARG A 9 -10.46 21.28 1.95
C ARG A 9 -11.29 20.41 2.88
N ASP A 10 -12.59 20.30 2.58
CA ASP A 10 -13.48 19.40 3.31
C ASP A 10 -13.66 18.12 2.49
N ILE A 11 -12.99 17.05 2.90
CA ILE A 11 -13.06 15.79 2.18
C ILE A 11 -13.48 14.65 3.09
N TYR A 12 -14.00 15.02 4.26
CA TYR A 12 -14.48 14.07 5.25
C TYR A 12 -15.47 13.07 4.68
N LYS A 13 -16.43 13.56 3.89
CA LYS A 13 -17.43 12.68 3.28
C LYS A 13 -16.78 11.64 2.35
N ALA A 14 -15.88 12.11 1.49
CA ALA A 14 -15.16 11.23 0.58
C ALA A 14 -14.35 10.15 1.31
N ILE A 15 -13.68 10.55 2.39
CA ILE A 15 -12.88 9.57 3.18
C ILE A 15 -13.75 8.54 3.93
N ASP A 16 -14.92 8.96 4.41
CA ASP A 16 -15.88 8.05 5.04
C ASP A 16 -16.41 7.03 4.04
N ILE A 17 -16.66 7.49 2.83
CA ILE A 17 -17.06 6.60 1.75
C ILE A 17 -15.93 5.62 1.43
N GLN A 18 -14.71 6.14 1.31
CA GLN A 18 -13.57 5.30 0.99
C GLN A 18 -13.39 4.17 2.01
N THR A 19 -13.55 4.51 3.29
CA THR A 19 -13.43 3.53 4.37
C THR A 19 -14.46 2.41 4.20
N LYS A 20 -15.69 2.78 3.85
CA LYS A 20 -16.75 1.79 3.67
C LYS A 20 -16.49 0.92 2.44
N ILE A 21 -15.95 1.53 1.40
CA ILE A 21 -15.60 0.81 0.18
C ILE A 21 -14.46 -0.17 0.45
N LEU A 22 -13.46 0.26 1.21
CA LEU A 22 -12.32 -0.62 1.47
C LEU A 22 -12.74 -1.82 2.33
N ASP A 23 -13.61 -1.57 3.29
CA ASP A 23 -14.15 -2.61 4.18
C ASP A 23 -14.92 -3.64 3.35
N TYR A 24 -15.82 -3.15 2.51
CA TYR A 24 -16.61 -3.99 1.63
C TYR A 24 -15.75 -4.85 0.69
N MET A 25 -14.79 -4.23 0.01
CA MET A 25 -14.01 -4.94 -1.01
C MET A 25 -13.04 -5.96 -0.43
N THR A 26 -12.39 -5.62 0.69
CA THR A 26 -11.46 -6.57 1.27
C THR A 26 -12.22 -7.79 1.80
N LYS A 27 -13.39 -7.56 2.42
CA LYS A 27 -14.21 -8.66 2.91
C LYS A 27 -14.73 -9.53 1.77
N PHE A 28 -15.10 -8.89 0.66
CA PHE A 28 -15.55 -9.63 -0.54
C PHE A 28 -14.54 -10.71 -0.88
N PHE A 29 -13.27 -10.33 -0.94
CA PHE A 29 -12.23 -11.27 -1.32
C PHE A 29 -11.85 -12.24 -0.20
N THR A 30 -11.70 -11.76 1.03
CA THR A 30 -11.31 -12.74 2.06
C THR A 30 -12.43 -13.78 2.30
N ASP A 31 -13.68 -13.36 2.15
CA ASP A 31 -14.84 -14.26 2.28
C ASP A 31 -14.79 -15.40 1.26
N ARG A 32 -14.11 -15.19 0.14
CA ARG A 32 -14.09 -16.16 -0.95
C ARG A 32 -12.76 -16.92 -1.01
N GLY A 33 -12.01 -16.87 0.07
CA GLY A 33 -10.79 -17.66 0.18
C GLY A 33 -9.58 -17.05 -0.49
N PHE A 34 -9.62 -15.75 -0.78
CA PHE A 34 -8.43 -15.11 -1.34
C PHE A 34 -7.43 -14.81 -0.22
N LYS A 35 -6.14 -14.92 -0.55
CA LYS A 35 -5.03 -14.55 0.34
C LYS A 35 -4.69 -13.08 0.13
N TRP A 36 -4.34 -12.41 1.22
CA TRP A 36 -4.12 -10.97 1.18
C TRP A 36 -2.61 -10.69 1.23
N LEU A 37 -2.04 -10.22 0.11
CA LEU A 37 -0.60 -9.94 0.04
C LEU A 37 -0.29 -8.48 0.34
N LEU A 38 0.94 -8.21 0.80
CA LEU A 38 1.43 -6.85 0.95
C LEU A 38 2.09 -6.39 -0.36
N PRO A 39 2.14 -5.08 -0.59
CA PRO A 39 2.67 -4.63 -1.88
C PRO A 39 4.19 -4.66 -1.95
N ILE A 40 4.74 -4.61 -3.17
CA ILE A 40 6.14 -4.23 -3.31
C ILE A 40 6.19 -2.93 -4.10
N MET A 41 7.12 -2.04 -3.75
CA MET A 41 7.23 -0.75 -4.42
C MET A 41 8.49 -0.63 -5.31
N LEU A 42 9.46 -1.51 -5.11
CA LEU A 42 10.75 -1.45 -5.80
C LEU A 42 11.14 -2.83 -6.34
N SER A 43 11.46 -2.89 -7.62
CA SER A 43 11.83 -4.17 -8.20
C SER A 43 12.67 -3.96 -9.43
N PRO A 44 13.53 -4.93 -9.76
CA PRO A 44 14.26 -4.81 -11.02
C PRO A 44 13.34 -4.82 -12.23
N ILE A 45 12.12 -5.34 -12.06
CA ILE A 45 11.18 -5.42 -13.18
C ILE A 45 9.84 -4.82 -12.80
N THR A 46 9.15 -4.24 -13.78
CA THR A 46 7.77 -3.80 -13.57
C THR A 46 6.94 -3.80 -14.87
N ASP A 47 5.65 -3.54 -14.72
CA ASP A 47 4.71 -3.50 -15.84
C ASP A 47 5.19 -2.47 -16.84
N PRO A 48 5.36 -2.84 -18.13
CA PRO A 48 5.80 -1.83 -19.10
C PRO A 48 4.70 -0.84 -19.50
N LEU A 49 3.43 -1.24 -19.34
CA LEU A 49 2.31 -0.36 -19.66
C LEU A 49 2.33 0.00 -21.15
N TRP A 50 2.95 -0.88 -21.94
CA TRP A 50 3.09 -0.67 -23.37
C TRP A 50 3.31 -2.02 -24.04
N PRO A 51 2.75 -2.20 -25.26
CA PRO A 51 1.82 -1.31 -25.96
C PRO A 51 0.53 -1.17 -25.17
N ASP A 52 -0.18 -0.07 -25.36
CA ASP A 52 -1.46 0.11 -24.68
C ASP A 52 -2.11 1.35 -25.28
N PRO A 53 -3.28 1.18 -25.89
CA PRO A 53 -3.94 2.32 -26.53
C PRO A 53 -4.28 3.38 -25.50
N ALA A 54 -4.32 2.99 -24.23
CA ALA A 54 -4.67 3.90 -23.14
C ALA A 54 -3.47 4.70 -22.62
N GLY A 55 -2.33 4.64 -23.30
CA GLY A 55 -1.12 5.26 -22.78
C GLY A 55 -0.21 6.00 -23.75
N GLU A 56 0.80 6.67 -23.20
CA GLU A 56 1.74 7.45 -24.00
C GLU A 56 3.11 6.84 -24.00
N GLY A 57 3.26 5.76 -23.24
CA GLY A 57 4.51 5.01 -23.22
C GLY A 57 5.55 5.49 -22.21
N ILE A 58 5.10 5.87 -21.03
CA ILE A 58 5.96 6.44 -19.99
C ILE A 58 6.98 5.42 -19.46
N ARG A 59 8.14 5.90 -19.04
CA ARG A 59 9.10 4.99 -18.38
C ARG A 59 8.99 5.11 -16.87
N PRO A 60 9.20 3.99 -16.16
CA PRO A 60 8.99 4.00 -14.71
C PRO A 60 10.06 4.84 -14.03
N ALA A 61 9.71 5.48 -12.93
CA ALA A 61 10.68 6.21 -12.13
C ALA A 61 11.63 5.16 -11.58
N GLU A 62 12.87 5.52 -11.32
CA GLU A 62 13.77 4.53 -10.77
C GLU A 62 14.76 5.09 -9.79
N VAL A 63 15.25 4.22 -8.92
CA VAL A 63 16.16 4.63 -7.87
C VAL A 63 17.15 3.49 -7.65
N ASP A 64 18.37 3.83 -7.22
CA ASP A 64 19.38 2.83 -6.91
C ASP A 64 19.19 2.27 -5.51
N VAL A 65 19.36 0.97 -5.37
CA VAL A 65 19.30 0.28 -4.09
C VAL A 65 20.57 -0.57 -3.99
N TYR A 66 21.44 -0.19 -3.07
CA TYR A 66 22.75 -0.84 -2.94
C TYR A 66 23.48 -0.89 -4.29
N GLY A 67 23.34 0.18 -5.06
CA GLY A 67 24.04 0.32 -6.33
C GLY A 67 23.30 -0.23 -7.54
N VAL A 68 22.21 -0.96 -7.30
CA VAL A 68 21.43 -1.61 -8.35
C VAL A 68 20.18 -0.83 -8.71
N ARG A 69 19.94 -0.65 -10.00
CA ARG A 69 18.80 0.14 -10.44
C ARG A 69 17.50 -0.63 -10.20
N MET A 70 16.56 0.02 -9.53
CA MET A 70 15.24 -0.58 -9.28
C MET A 70 14.17 0.32 -9.90
N ARG A 71 13.07 -0.29 -10.32
CA ARG A 71 11.98 0.50 -10.86
C ARG A 71 10.87 0.60 -9.84
N LEU A 72 10.30 1.80 -9.69
CA LEU A 72 9.12 1.98 -8.84
C LEU A 72 7.94 1.33 -9.56
N THR A 73 7.08 0.69 -8.78
CA THR A 73 5.98 -0.10 -9.32
C THR A 73 5.03 0.65 -10.23
N HIS A 74 4.99 0.24 -11.49
CA HIS A 74 3.98 0.68 -12.44
C HIS A 74 2.71 -0.12 -12.13
N SER A 75 2.86 -1.43 -12.00
CA SER A 75 1.79 -2.28 -11.45
C SER A 75 2.43 -3.59 -11.06
N MET A 76 1.75 -4.37 -10.22
CA MET A 76 2.29 -5.61 -9.72
C MET A 76 1.96 -6.82 -10.59
N ILE A 77 1.51 -6.58 -11.83
CA ILE A 77 1.06 -7.70 -12.67
C ILE A 77 2.05 -8.89 -12.75
N LEU A 78 3.32 -8.61 -12.98
CA LEU A 78 4.31 -9.69 -13.08
C LEU A 78 4.47 -10.40 -11.74
N HIS A 79 4.46 -9.63 -10.65
CA HIS A 79 4.48 -10.22 -9.32
C HIS A 79 3.23 -11.05 -8.97
N LYS A 80 2.07 -10.64 -9.48
CA LYS A 80 0.88 -11.45 -9.28
C LYS A 80 1.06 -12.81 -9.93
N GLN A 81 1.63 -12.83 -11.14
CA GLN A 81 1.87 -14.12 -11.81
C GLN A 81 2.83 -14.97 -10.99
N LEU A 82 3.86 -14.33 -10.43
CA LEU A 82 4.82 -15.10 -9.63
C LEU A 82 4.20 -15.64 -8.34
N ALA A 83 3.26 -14.89 -7.76
CA ALA A 83 2.55 -15.39 -6.59
C ALA A 83 1.75 -16.64 -6.95
N ILE A 84 1.16 -16.67 -8.14
CA ILE A 84 0.41 -17.85 -8.58
C ILE A 84 1.42 -19.00 -8.77
N ALA A 85 2.56 -18.68 -9.35
CA ALA A 85 3.64 -19.66 -9.49
C ALA A 85 4.06 -20.26 -8.14
N MET A 86 3.85 -19.52 -7.05
CA MET A 86 4.19 -20.03 -5.71
C MET A 86 3.07 -20.82 -5.06
N GLY A 87 2.02 -21.08 -5.83
CA GLY A 87 0.91 -21.92 -5.37
C GLY A 87 -0.06 -21.26 -4.41
N LEU A 88 -0.16 -19.92 -4.44
CA LEU A 88 -1.13 -19.26 -3.55
C LEU A 88 -2.58 -19.29 -4.05
N GLU A 89 -2.78 -19.68 -5.31
CA GLU A 89 -4.11 -20.02 -5.85
C GLU A 89 -5.03 -18.82 -6.16
N LYS A 90 -5.32 -18.01 -5.15
CA LYS A 90 -6.17 -16.85 -5.31
C LYS A 90 -5.62 -15.76 -4.41
N ILE A 91 -5.24 -14.63 -5.00
CA ILE A 91 -4.57 -13.59 -4.24
C ILE A 91 -5.08 -12.21 -4.58
N PHE A 92 -4.97 -11.30 -3.62
CA PHE A 92 -5.23 -9.87 -3.85
C PHE A 92 -4.26 -9.00 -3.04
N VAL A 93 -4.07 -7.76 -3.49
CA VAL A 93 -3.24 -6.80 -2.81
C VAL A 93 -3.78 -5.39 -3.01
N LEU A 94 -3.69 -4.56 -1.98
CA LEU A 94 -3.95 -3.14 -2.11
C LEU A 94 -2.64 -2.51 -2.54
N SER A 95 -2.46 -2.37 -3.84
CA SER A 95 -1.16 -2.02 -4.39
C SER A 95 -1.08 -0.55 -4.81
N PRO A 96 -0.17 0.21 -4.18
CA PRO A 96 0.07 1.57 -4.69
C PRO A 96 0.86 1.50 -5.98
N ASN A 97 0.58 2.41 -6.91
CA ASN A 97 1.31 2.48 -8.17
C ASN A 97 1.84 3.90 -8.34
N ILE A 98 2.98 4.03 -9.01
CA ILE A 98 3.53 5.35 -9.36
C ILE A 98 3.64 5.43 -10.88
N ARG A 99 2.94 6.37 -11.49
CA ARG A 99 2.95 6.52 -12.95
C ARG A 99 3.06 8.00 -13.25
N LEU A 100 4.23 8.44 -13.67
CA LEU A 100 4.48 9.87 -13.90
C LEU A 100 3.89 10.34 -15.21
N GLU A 101 2.56 10.32 -15.30
CA GLU A 101 1.86 10.66 -16.53
C GLU A 101 1.98 12.15 -16.83
N SER A 102 1.78 12.51 -18.09
CA SER A 102 1.95 13.92 -18.49
C SER A 102 0.72 14.76 -18.19
N ARG A 103 0.88 16.08 -18.36
CA ARG A 103 -0.26 16.99 -18.26
C ARG A 103 -1.44 16.58 -19.17
N ARG A 104 -1.16 15.88 -20.27
CA ARG A 104 -2.22 15.53 -21.20
C ARG A 104 -3.23 14.56 -20.55
N LYS A 105 -2.78 13.89 -19.48
CA LYS A 105 -3.59 12.88 -18.80
C LYS A 105 -4.30 13.44 -17.57
N ASP A 106 -4.16 14.74 -17.32
CA ASP A 106 -4.93 15.37 -16.25
C ASP A 106 -6.36 15.64 -16.73
N ASP A 107 -7.15 14.57 -16.77
CA ASP A 107 -8.52 14.59 -17.30
C ASP A 107 -9.56 14.43 -16.19
N GLY A 108 -9.09 14.37 -14.94
CA GLY A 108 -9.99 14.21 -13.81
C GLY A 108 -10.08 12.78 -13.32
N ARG A 109 -9.57 11.83 -14.11
CA ARG A 109 -9.52 10.44 -13.70
C ARG A 109 -8.13 9.98 -13.29
N HIS A 110 -7.10 10.73 -13.60
CA HIS A 110 -5.73 10.33 -13.34
C HIS A 110 -5.06 11.03 -12.18
N SER A 111 -4.29 10.20 -11.42
N SER A 111 -4.26 10.20 -11.45
CA SER A 111 -3.37 10.67 -10.40
CA SER A 111 -3.37 10.67 -10.40
C SER A 111 -2.01 10.05 -10.66
C SER A 111 -2.01 10.02 -10.62
N TYR A 112 -0.88 10.75 -10.34
CA TYR A 112 0.40 10.09 -10.56
C TYR A 112 0.82 9.09 -9.46
N GLU A 113 0.09 9.11 -8.35
CA GLU A 113 0.12 8.08 -7.32
C GLU A 113 -1.31 7.60 -7.10
N PHE A 114 -1.50 6.30 -7.06
CA PHE A 114 -2.82 5.78 -6.79
C PHE A 114 -2.76 4.34 -6.29
N THR A 115 -3.87 3.84 -5.78
CA THR A 115 -3.92 2.47 -5.34
C THR A 115 -4.95 1.67 -6.11
N GLN A 116 -4.58 0.46 -6.52
CA GLN A 116 -5.57 -0.43 -7.09
C GLN A 116 -5.67 -1.69 -6.24
N LEU A 117 -6.88 -2.19 -6.08
CA LEU A 117 -7.04 -3.53 -5.53
C LEU A 117 -6.83 -4.50 -6.70
N ASP A 118 -5.72 -5.25 -6.67
CA ASP A 118 -5.27 -6.05 -7.79
C ASP A 118 -5.44 -7.52 -7.39
N PHE A 119 -6.09 -8.33 -8.22
CA PHE A 119 -6.27 -9.74 -7.82
C PHE A 119 -5.99 -10.71 -8.96
N GLU A 120 -5.69 -11.96 -8.60
CA GLU A 120 -5.33 -12.97 -9.60
C GLU A 120 -5.81 -14.35 -9.13
N ILE A 121 -6.22 -15.18 -10.07
CA ILE A 121 -6.83 -16.47 -9.77
C ILE A 121 -6.27 -17.55 -10.72
N GLU A 122 -5.69 -18.59 -10.14
CA GLU A 122 -5.06 -19.64 -10.93
C GLU A 122 -6.14 -20.34 -11.76
N GLY A 123 -5.87 -20.59 -13.04
CA GLY A 123 -6.79 -21.31 -13.90
C GLY A 123 -8.08 -20.63 -14.35
N ALA A 124 -8.30 -19.37 -13.97
CA ALA A 124 -9.55 -18.69 -14.32
C ALA A 124 -9.62 -18.25 -15.78
N LYS A 125 -10.85 -18.11 -16.28
CA LYS A 125 -11.09 -17.67 -17.66
C LYS A 125 -11.67 -16.26 -17.64
N MET A 126 -11.62 -15.57 -18.78
CA MET A 126 -12.14 -14.20 -18.78
C MET A 126 -13.58 -14.10 -18.27
N LYS A 127 -14.44 -15.03 -18.69
CA LYS A 127 -15.84 -15.01 -18.27
C LYS A 127 -15.97 -15.09 -16.75
N ASP A 128 -15.20 -15.97 -16.11
CA ASP A 128 -15.20 -16.12 -14.65
C ASP A 128 -14.85 -14.81 -13.92
N VAL A 129 -13.78 -14.15 -14.38
CA VAL A 129 -13.35 -12.91 -13.75
C VAL A 129 -14.38 -11.81 -13.94
N MET A 130 -14.93 -11.73 -15.14
CA MET A 130 -15.89 -10.67 -15.42
C MET A 130 -17.11 -10.89 -14.55
N ARG A 131 -17.52 -12.15 -14.41
CA ARG A 131 -18.69 -12.46 -13.57
C ARG A 131 -18.44 -12.11 -12.09
N LEU A 132 -17.22 -12.34 -11.62
CA LEU A 132 -16.87 -11.98 -10.25
C LEU A 132 -16.90 -10.46 -10.03
N ILE A 133 -16.32 -9.72 -10.97
CA ILE A 133 -16.34 -8.26 -10.90
C ILE A 133 -17.78 -7.72 -10.91
N GLU A 134 -18.65 -8.30 -11.73
CA GLU A 134 -20.05 -7.87 -11.76
C GLU A 134 -20.72 -8.08 -10.40
N GLU A 135 -20.46 -9.24 -9.81
CA GLU A 135 -20.98 -9.53 -8.48
C GLU A 135 -20.48 -8.51 -7.45
N LEU A 136 -19.19 -8.21 -7.48
CA LEU A 136 -18.64 -7.24 -6.55
C LEU A 136 -19.28 -5.86 -6.75
N ILE A 137 -19.37 -5.44 -8.00
CA ILE A 137 -19.84 -4.09 -8.31
C ILE A 137 -21.34 -3.93 -8.03
N TYR A 138 -22.12 -4.95 -8.38
CA TYR A 138 -23.55 -4.90 -8.09
C TYR A 138 -23.77 -4.76 -6.58
N GLY A 139 -23.06 -5.57 -5.81
CA GLY A 139 -23.21 -5.58 -4.36
C GLY A 139 -22.79 -4.27 -3.74
N LEU A 140 -21.73 -3.68 -4.29
CA LEU A 140 -21.21 -2.41 -3.80
C LEU A 140 -22.21 -1.29 -4.05
N PHE A 141 -22.80 -1.28 -5.24
CA PHE A 141 -23.73 -0.22 -5.61
C PHE A 141 -24.99 -0.24 -4.74
N ARG A 142 -25.46 -1.44 -4.41
CA ARG A 142 -26.58 -1.58 -3.47
C ARG A 142 -26.20 -1.00 -2.09
N LYS A 143 -25.00 -1.32 -1.60
CA LYS A 143 -24.52 -0.74 -0.35
C LYS A 143 -24.43 0.79 -0.43
N ALA A 144 -23.93 1.30 -1.55
CA ALA A 144 -23.76 2.75 -1.75
C ALA A 144 -25.08 3.52 -1.69
N GLU A 145 -26.18 2.88 -2.09
CA GLU A 145 -27.49 3.50 -1.97
C GLU A 145 -27.86 3.72 -0.49
N GLU A 146 -27.53 2.76 0.37
CA GLU A 146 -27.75 2.94 1.81
C GLU A 146 -26.84 4.01 2.39
N TRP A 147 -25.57 4.01 2.00
CA TRP A 147 -24.60 4.96 2.54
C TRP A 147 -24.94 6.40 2.16
N THR A 148 -25.40 6.61 0.92
CA THR A 148 -25.54 7.97 0.39
C THR A 148 -26.99 8.41 0.26
N GLY A 149 -27.92 7.46 0.34
CA GLY A 149 -29.31 7.73 0.05
C GLY A 149 -29.59 8.14 -1.40
N ARG A 150 -28.61 7.98 -2.28
CA ARG A 150 -28.82 8.25 -3.70
C ARG A 150 -28.95 6.94 -4.48
N GLU A 151 -29.44 7.01 -5.72
CA GLU A 151 -29.58 5.80 -6.53
C GLU A 151 -28.36 5.53 -7.42
N PHE A 152 -28.07 4.24 -7.64
CA PHE A 152 -26.95 3.81 -8.48
C PHE A 152 -27.42 2.81 -9.53
N PRO A 153 -26.63 2.65 -10.60
CA PRO A 153 -27.05 1.74 -11.68
C PRO A 153 -27.41 0.39 -11.07
N ARG A 154 -28.51 -0.19 -11.57
CA ARG A 154 -29.11 -1.35 -10.96
C ARG A 154 -28.75 -2.67 -11.66
N ALA A 155 -28.03 -2.55 -12.78
CA ALA A 155 -27.66 -3.71 -13.60
C ALA A 155 -26.89 -4.79 -12.82
N ARG A 156 -27.32 -6.04 -12.97
CA ARG A 156 -26.63 -7.16 -12.32
C ARG A 156 -25.52 -7.70 -13.23
N HIS A 157 -25.68 -7.54 -14.54
CA HIS A 157 -24.63 -7.89 -15.51
C HIS A 157 -24.55 -6.75 -16.54
N PHE A 158 -23.39 -6.60 -17.19
CA PHE A 158 -23.16 -5.44 -18.06
C PHE A 158 -22.97 -5.88 -19.52
N LYS A 159 -23.36 -5.04 -20.46
CA LYS A 159 -23.23 -5.38 -21.88
C LYS A 159 -21.76 -5.43 -22.25
N VAL A 160 -21.46 -6.19 -23.31
CA VAL A 160 -20.07 -6.40 -23.75
C VAL A 160 -19.83 -5.91 -25.18
N TYR A 161 -18.84 -5.05 -25.38
CA TYR A 161 -18.48 -4.51 -26.71
C TYR A 161 -17.04 -4.81 -27.08
N ASP A 162 -16.79 -5.20 -28.33
CA ASP A 162 -15.42 -5.29 -28.82
C ASP A 162 -14.80 -3.92 -28.96
N TYR A 163 -13.55 -3.80 -28.54
CA TYR A 163 -12.73 -2.61 -28.72
C TYR A 163 -12.88 -1.98 -30.11
N LYS A 164 -12.66 -2.76 -31.17
CA LYS A 164 -12.80 -2.27 -32.55
C LYS A 164 -14.18 -1.65 -32.80
N ASP A 165 -15.22 -2.30 -32.30
CA ASP A 165 -16.59 -1.80 -32.45
C ASP A 165 -16.85 -0.50 -31.69
N ILE A 166 -16.17 -0.32 -30.57
CA ILE A 166 -16.29 0.93 -29.81
C ILE A 166 -15.71 2.07 -30.65
N LEU A 167 -14.53 1.83 -31.20
CA LEU A 167 -13.87 2.81 -32.05
C LEU A 167 -14.78 3.23 -33.19
N GLU A 168 -15.38 2.24 -33.85
CA GLU A 168 -16.21 2.55 -35.01
C GLU A 168 -17.47 3.34 -34.61
N GLU A 169 -18.14 2.91 -33.55
CA GLU A 169 -19.42 3.50 -33.18
C GLU A 169 -19.28 4.85 -32.47
N PHE A 170 -18.35 4.95 -31.52
CA PHE A 170 -18.22 6.15 -30.70
C PHE A 170 -16.94 6.94 -30.96
N GLY A 171 -15.93 6.28 -31.49
CA GLY A 171 -14.66 6.93 -31.74
C GLY A 171 -13.62 6.65 -30.68
N SER A 172 -14.06 6.60 -29.41
CA SER A 172 -13.18 6.35 -28.29
C SER A 172 -13.98 5.88 -27.09
N ASP A 173 -13.30 5.24 -26.13
CA ASP A 173 -13.99 4.77 -24.94
C ASP A 173 -14.47 5.96 -24.12
N GLU A 174 -13.83 7.10 -24.34
CA GLU A 174 -14.23 8.36 -23.72
C GLU A 174 -15.64 8.74 -24.07
N LYS A 175 -15.92 8.84 -25.36
CA LYS A 175 -17.26 9.19 -25.81
C LYS A 175 -18.28 8.12 -25.45
N ALA A 176 -17.85 6.87 -25.47
CA ALA A 176 -18.75 5.77 -25.12
C ALA A 176 -19.26 5.96 -23.69
N SER A 177 -18.32 6.19 -22.77
CA SER A 177 -18.66 6.41 -21.36
C SER A 177 -19.68 7.54 -21.23
N MET A 178 -19.46 8.60 -22.01
CA MET A 178 -20.36 9.75 -22.06
C MET A 178 -21.79 9.38 -22.40
N GLU A 179 -21.96 8.42 -23.30
CA GLU A 179 -23.30 8.08 -23.79
C GLU A 179 -24.02 7.04 -22.93
N MET A 180 -23.27 6.29 -22.12
CA MET A 180 -23.90 5.21 -21.37
C MET A 180 -24.44 5.64 -20.02
N GLU A 181 -25.45 4.91 -19.54
CA GLU A 181 -26.07 5.18 -18.26
C GLU A 181 -25.88 3.98 -17.32
N GLU A 182 -25.19 2.96 -17.81
CA GLU A 182 -24.80 1.82 -16.99
C GLU A 182 -23.37 1.43 -17.30
N PRO A 183 -22.69 0.77 -16.36
CA PRO A 183 -21.32 0.28 -16.61
C PRO A 183 -21.36 -0.67 -17.78
N PHE A 184 -20.27 -0.79 -18.53
CA PHE A 184 -20.20 -1.72 -19.65
C PHE A 184 -18.78 -2.21 -19.86
N TRP A 185 -18.63 -3.37 -20.51
CA TRP A 185 -17.32 -3.96 -20.77
C TRP A 185 -16.80 -3.60 -22.16
N ILE A 186 -15.51 -3.32 -22.25
CA ILE A 186 -14.80 -3.33 -23.53
C ILE A 186 -13.81 -4.50 -23.51
N VAL A 187 -13.86 -5.35 -24.53
CA VAL A 187 -13.00 -6.53 -24.59
C VAL A 187 -12.17 -6.61 -25.87
N ASN A 188 -11.15 -7.48 -25.85
CA ASN A 188 -10.32 -7.77 -27.03
C ASN A 188 -9.54 -6.52 -27.44
N ILE A 189 -8.61 -6.11 -26.57
CA ILE A 189 -7.81 -4.89 -26.77
C ILE A 189 -6.34 -5.29 -26.91
N PRO A 190 -5.75 -5.05 -28.09
CA PRO A 190 -4.33 -5.42 -28.19
C PRO A 190 -3.46 -4.57 -27.27
N ARG A 191 -2.75 -5.21 -26.35
CA ARG A 191 -1.90 -4.45 -25.45
C ARG A 191 -0.64 -5.22 -24.96
N GLU A 192 -0.37 -5.22 -23.65
CA GLU A 192 0.91 -5.73 -23.13
C GLU A 192 1.15 -7.26 -23.32
N PHE A 193 2.42 -7.68 -23.26
CA PHE A 193 2.78 -9.05 -23.58
C PHE A 193 2.09 -10.07 -22.69
N TYR A 194 1.77 -9.68 -21.46
CA TYR A 194 1.26 -10.66 -20.50
C TYR A 194 -0.23 -10.98 -20.64
N ASP A 195 -0.98 -10.19 -21.39
CA ASP A 195 -2.38 -10.54 -21.67
C ASP A 195 -2.44 -11.63 -22.75
N ARG A 196 -3.25 -12.67 -22.52
CA ARG A 196 -3.33 -13.82 -23.42
C ARG A 196 -3.91 -13.46 -24.80
N GLU A 197 -3.21 -13.88 -25.85
CA GLU A 197 -3.63 -13.64 -27.24
C GLU A 197 -3.67 -14.98 -27.94
N GLU A 198 -4.76 -15.26 -28.64
CA GLU A 198 -4.91 -16.52 -29.33
C GLU A 198 -5.51 -16.28 -30.70
N ASN A 199 -4.73 -16.57 -31.75
CA ASN A 199 -5.15 -16.33 -33.13
C ASN A 199 -5.83 -14.99 -33.34
N GLY A 200 -5.14 -13.91 -32.95
CA GLY A 200 -5.58 -12.56 -33.22
C GLY A 200 -6.61 -12.02 -32.25
N VAL A 201 -7.02 -12.84 -31.28
CA VAL A 201 -8.00 -12.41 -30.28
C VAL A 201 -7.40 -12.29 -28.87
N TRP A 202 -7.63 -11.14 -28.24
CA TRP A 202 -7.09 -10.85 -26.92
C TRP A 202 -8.13 -11.15 -25.84
N LYS A 203 -7.72 -11.93 -24.84
CA LYS A 203 -8.65 -12.42 -23.85
C LYS A 203 -8.65 -11.49 -22.66
N ASN A 204 -9.07 -10.25 -22.90
CA ASN A 204 -9.00 -9.22 -21.87
C ASN A 204 -10.23 -8.31 -21.85
N TYR A 205 -10.29 -7.44 -20.83
CA TYR A 205 -11.53 -6.73 -20.51
C TYR A 205 -11.26 -5.45 -19.70
N ASP A 206 -11.96 -4.38 -20.02
CA ASP A 206 -11.96 -3.15 -19.22
C ASP A 206 -13.39 -2.88 -18.77
N LEU A 207 -13.61 -2.57 -17.50
CA LEU A 207 -14.93 -2.14 -17.04
C LEU A 207 -15.03 -0.62 -17.09
N ILE A 208 -16.02 -0.11 -17.83
CA ILE A 208 -16.16 1.33 -17.99
C ILE A 208 -17.39 1.84 -17.25
N LEU A 209 -17.21 2.88 -16.43
CA LEU A 209 -18.35 3.48 -15.74
C LEU A 209 -19.13 4.40 -16.68
N PRO A 210 -20.42 4.63 -16.38
CA PRO A 210 -21.28 5.50 -17.21
C PRO A 210 -21.08 6.99 -16.92
N TYR A 211 -21.78 7.84 -17.65
CA TYR A 211 -21.81 9.28 -17.38
C TYR A 211 -20.45 9.98 -17.47
N GLY A 212 -19.56 9.43 -18.30
CA GLY A 212 -18.31 10.08 -18.58
C GLY A 212 -17.23 9.80 -17.55
N TYR A 213 -17.54 8.98 -16.54
CA TYR A 213 -16.54 8.69 -15.50
C TYR A 213 -15.36 7.84 -15.98
N GLY A 214 -15.57 7.03 -17.02
CA GLY A 214 -14.47 6.33 -17.68
C GLY A 214 -14.08 5.01 -17.03
N GLU A 215 -12.95 4.45 -17.43
CA GLU A 215 -12.52 3.12 -16.97
C GLU A 215 -12.33 3.03 -15.45
N VAL A 216 -12.73 1.91 -14.85
CA VAL A 216 -12.57 1.71 -13.41
C VAL A 216 -11.85 0.39 -13.09
N SER A 217 -11.87 -0.54 -14.04
CA SER A 217 -11.17 -1.81 -13.86
C SER A 217 -10.63 -2.36 -15.18
N SER A 218 -9.56 -3.13 -15.10
CA SER A 218 -8.92 -3.71 -16.26
C SER A 218 -8.23 -5.02 -15.90
N GLY A 219 -8.32 -6.03 -16.77
CA GLY A 219 -7.69 -7.32 -16.50
C GLY A 219 -7.59 -8.20 -17.73
N GLY A 220 -7.20 -9.46 -17.53
CA GLY A 220 -7.15 -10.40 -18.63
C GLY A 220 -6.75 -11.79 -18.18
N GLU A 221 -6.96 -12.78 -19.05
CA GLU A 221 -6.25 -14.07 -18.93
C GLU A 221 -4.79 -13.82 -19.25
N ARG A 222 -3.87 -14.67 -18.79
CA ARG A 222 -2.45 -14.37 -19.02
C ARG A 222 -1.74 -15.35 -19.93
N GLU A 223 -0.65 -14.89 -20.53
CA GLU A 223 0.26 -15.79 -21.24
C GLU A 223 1.12 -16.47 -20.18
N TRP A 224 1.55 -17.71 -20.44
CA TRP A 224 2.44 -18.44 -19.53
C TRP A 224 3.60 -19.16 -20.22
N GLU A 225 3.59 -19.20 -21.55
CA GLU A 225 4.61 -19.92 -22.33
C GLU A 225 5.78 -19.04 -22.75
N TYR A 226 6.99 -19.50 -22.45
CA TYR A 226 8.20 -18.70 -22.68
C TYR A 226 8.32 -18.14 -24.09
N GLU A 227 8.27 -19.02 -25.08
CA GLU A 227 8.54 -18.65 -26.47
C GLU A 227 7.51 -17.65 -26.99
N LYS A 228 6.25 -17.82 -26.59
CA LYS A 228 5.17 -16.90 -26.96
C LYS A 228 5.40 -15.53 -26.33
N ILE A 229 5.74 -15.52 -25.04
CA ILE A 229 6.04 -14.29 -24.30
C ILE A 229 7.21 -13.51 -24.92
N VAL A 230 8.31 -14.21 -25.20
CA VAL A 230 9.47 -13.57 -25.77
C VAL A 230 9.18 -12.97 -27.16
N ALA A 231 8.40 -13.67 -27.97
CA ALA A 231 8.07 -13.15 -29.30
C ALA A 231 7.28 -11.84 -29.17
N LYS A 232 6.37 -11.79 -28.20
CA LYS A 232 5.54 -10.61 -28.02
C LYS A 232 6.33 -9.41 -27.56
N ILE A 233 7.23 -9.64 -26.62
CA ILE A 233 8.14 -8.61 -26.15
C ILE A 233 8.99 -8.06 -27.30
N ARG A 234 9.56 -8.96 -28.08
CA ARG A 234 10.37 -8.53 -29.22
C ARG A 234 9.55 -7.75 -30.26
N ALA A 235 8.37 -8.26 -30.58
CA ALA A 235 7.53 -7.64 -31.61
C ALA A 235 7.18 -6.21 -31.23
N ALA A 236 7.07 -5.96 -29.93
CA ALA A 236 6.64 -4.66 -29.43
C ALA A 236 7.79 -3.67 -29.32
N GLY A 237 9.00 -4.13 -29.60
CA GLY A 237 10.18 -3.27 -29.53
C GLY A 237 10.71 -3.11 -28.12
N LEU A 238 10.19 -3.90 -27.19
CA LEU A 238 10.67 -3.89 -25.81
C LEU A 238 11.91 -4.77 -25.70
N LYS A 239 12.63 -4.67 -24.60
CA LYS A 239 13.88 -5.42 -24.45
C LYS A 239 13.74 -6.59 -23.47
N GLU A 240 14.15 -7.79 -23.88
CA GLU A 240 14.14 -8.93 -22.96
C GLU A 240 14.91 -8.59 -21.70
N ASP A 241 15.93 -7.75 -21.85
CA ASP A 241 16.80 -7.38 -20.73
C ASP A 241 16.01 -6.75 -19.57
N SER A 242 14.88 -6.11 -19.89
CA SER A 242 14.06 -5.45 -18.87
C SER A 242 13.20 -6.40 -18.04
N PHE A 243 13.21 -7.69 -18.40
CA PHE A 243 12.33 -8.68 -17.77
C PHE A 243 13.07 -9.96 -17.42
N ARG A 244 14.38 -9.85 -17.24
CA ARG A 244 15.22 -11.03 -17.13
C ARG A 244 14.82 -12.10 -16.08
N PRO A 245 14.65 -11.70 -14.80
CA PRO A 245 14.31 -12.74 -13.82
C PRO A 245 12.93 -13.40 -14.07
N TYR A 246 12.02 -12.61 -14.62
CA TYR A 246 10.69 -13.12 -14.95
C TYR A 246 10.77 -14.11 -16.10
N LEU A 247 11.58 -13.78 -17.12
CA LEU A 247 11.75 -14.70 -18.23
C LEU A 247 12.53 -15.96 -17.82
N GLU A 248 13.35 -15.85 -16.78
CA GLU A 248 14.03 -17.06 -16.27
C GLU A 248 12.99 -18.03 -15.70
N ILE A 249 12.02 -17.47 -14.99
CA ILE A 249 10.95 -18.27 -14.42
C ILE A 249 10.07 -18.84 -15.53
N ALA A 250 9.77 -18.03 -16.54
CA ALA A 250 8.99 -18.52 -17.69
C ALA A 250 9.76 -19.62 -18.44
N ARG A 251 11.05 -19.44 -18.67
CA ARG A 251 11.82 -20.43 -19.41
C ARG A 251 11.85 -21.77 -18.66
N ALA A 252 11.85 -21.71 -17.33
CA ALA A 252 11.87 -22.90 -16.49
C ALA A 252 10.54 -23.64 -16.55
N GLY A 253 9.54 -22.97 -17.14
CA GLY A 253 8.22 -23.54 -17.30
C GLY A 253 7.35 -23.41 -16.05
N LYS A 254 7.64 -22.41 -15.21
CA LYS A 254 6.96 -22.25 -13.93
C LYS A 254 5.76 -21.29 -13.89
N LEU A 255 5.48 -20.59 -14.99
CA LEU A 255 4.25 -19.80 -15.02
C LEU A 255 3.05 -20.71 -15.28
N LYS A 256 1.92 -20.40 -14.66
CA LYS A 256 0.70 -21.20 -14.78
C LYS A 256 -0.39 -20.35 -15.42
N PRO A 257 -1.34 -20.98 -16.14
CA PRO A 257 -2.46 -20.18 -16.65
C PRO A 257 -3.21 -19.51 -15.50
N SER A 258 -3.62 -18.25 -15.69
CA SER A 258 -4.39 -17.54 -14.67
C SER A 258 -5.13 -16.36 -15.28
N ALA A 259 -6.02 -15.74 -14.52
CA ALA A 259 -6.64 -14.50 -14.95
C ALA A 259 -6.88 -13.62 -13.73
N GLY A 260 -6.94 -12.30 -13.95
CA GLY A 260 -7.25 -11.39 -12.85
C GLY A 260 -7.59 -10.01 -13.35
N ALA A 261 -7.55 -9.05 -12.43
CA ALA A 261 -7.84 -7.66 -12.77
C ALA A 261 -7.35 -6.74 -11.68
N GLY A 262 -7.37 -5.44 -11.97
CA GLY A 262 -7.16 -4.44 -10.96
C GLY A 262 -8.33 -3.45 -10.98
N ILE A 263 -8.71 -2.97 -9.80
CA ILE A 263 -9.81 -2.03 -9.64
C ILE A 263 -9.26 -0.74 -8.98
N GLY A 264 -9.42 0.41 -9.63
CA GLY A 264 -8.96 1.66 -9.06
C GLY A 264 -9.80 2.12 -7.88
N VAL A 265 -9.18 2.15 -6.69
CA VAL A 265 -9.92 2.49 -5.48
C VAL A 265 -10.41 3.95 -5.50
N GLU A 266 -9.49 4.89 -5.77
CA GLU A 266 -9.83 6.31 -5.88
C GLU A 266 -10.87 6.59 -6.98
N ARG A 267 -10.78 5.89 -8.11
CA ARG A 267 -11.75 6.15 -9.18
C ARG A 267 -13.14 5.71 -8.75
N LEU A 268 -13.20 4.68 -7.91
CA LEU A 268 -14.48 4.16 -7.44
C LEU A 268 -15.07 5.11 -6.38
N VAL A 269 -14.23 5.57 -5.46
CA VAL A 269 -14.63 6.60 -4.49
C VAL A 269 -15.20 7.84 -5.22
N ARG A 270 -14.47 8.32 -6.22
CA ARG A 270 -14.90 9.47 -7.02
C ARG A 270 -16.31 9.27 -7.60
N PHE A 271 -16.56 8.10 -8.15
CA PHE A 271 -17.86 7.80 -8.76
C PHE A 271 -18.99 7.84 -7.73
N ILE A 272 -18.75 7.19 -6.60
CA ILE A 272 -19.78 7.09 -5.58
C ILE A 272 -20.10 8.44 -4.93
N VAL A 273 -19.09 9.27 -4.65
CA VAL A 273 -19.40 10.59 -4.08
C VAL A 273 -19.75 11.64 -5.14
N GLY A 274 -19.58 11.29 -6.41
CA GLY A 274 -19.91 12.19 -7.51
C GLY A 274 -18.94 13.35 -7.71
N ALA A 275 -17.66 13.14 -7.43
CA ALA A 275 -16.68 14.22 -7.55
C ALA A 275 -16.32 14.49 -9.01
N LYS A 276 -16.17 15.77 -9.36
CA LYS A 276 -15.76 16.12 -10.71
C LYS A 276 -14.31 15.71 -11.02
N HIS A 277 -13.42 15.83 -10.03
CA HIS A 277 -12.00 15.56 -10.25
C HIS A 277 -11.49 14.64 -9.15
N ILE A 278 -10.68 13.65 -9.52
CA ILE A 278 -10.21 12.66 -8.56
C ILE A 278 -9.40 13.30 -7.42
N ALA A 279 -8.81 14.46 -7.66
CA ALA A 279 -8.06 15.15 -6.61
C ALA A 279 -8.96 15.49 -5.41
N GLU A 280 -10.26 15.65 -5.64
CA GLU A 280 -11.18 15.95 -4.54
C GLU A 280 -11.35 14.83 -3.50
N VAL A 281 -10.90 13.62 -3.81
CA VAL A 281 -11.06 12.50 -2.86
C VAL A 281 -9.74 12.05 -2.25
N GLN A 282 -8.68 12.78 -2.57
CA GLN A 282 -7.34 12.47 -2.06
C GLN A 282 -6.88 13.51 -1.05
N PRO A 283 -6.52 13.07 0.17
CA PRO A 283 -6.00 14.03 1.14
C PRO A 283 -4.76 14.76 0.61
N PHE A 284 -3.92 14.07 -0.15
CA PHE A 284 -2.75 14.71 -0.73
C PHE A 284 -2.77 14.48 -2.24
N PRO A 285 -3.25 15.49 -2.99
CA PRO A 285 -3.43 15.34 -4.44
C PRO A 285 -2.12 15.05 -5.17
N ARG A 286 -2.22 14.24 -6.22
CA ARG A 286 -1.07 13.91 -7.06
C ARG A 286 -1.48 14.13 -8.53
N VAL A 287 -1.63 15.39 -8.89
CA VAL A 287 -2.12 15.76 -10.22
C VAL A 287 -1.06 15.54 -11.31
N PRO A 288 -1.42 14.80 -12.37
CA PRO A 288 -0.48 14.52 -13.46
C PRO A 288 0.23 15.75 -13.97
N GLY A 289 1.56 15.71 -14.03
CA GLY A 289 2.35 16.81 -14.56
C GLY A 289 2.65 17.92 -13.56
N ILE A 290 2.10 17.83 -12.36
CA ILE A 290 2.30 18.87 -11.34
C ILE A 290 2.90 18.27 -10.07
N PRO A 291 4.19 18.54 -9.82
CA PRO A 291 4.81 17.96 -8.63
C PRO A 291 4.12 18.46 -7.36
N ALA A 292 3.69 17.55 -6.50
CA ALA A 292 2.96 17.91 -5.29
C ALA A 292 3.86 18.62 -4.28
N VAL A 293 3.28 19.55 -3.50
CA VAL A 293 4.05 20.25 -2.48
C VAL A 293 4.14 19.44 -1.18
N ILE A 294 3.06 18.71 -0.88
CA ILE A 294 3.10 17.71 0.21
C ILE A 294 2.53 16.36 -0.28
N MET B 1 19.90 -16.56 -3.62
CA MET B 1 18.78 -17.18 -4.30
C MET B 1 18.45 -16.48 -5.61
N ASN B 2 18.47 -17.22 -6.71
CA ASN B 2 18.06 -16.66 -8.00
C ASN B 2 16.54 -16.63 -8.08
N ALA B 3 16.00 -16.23 -9.24
CA ALA B 3 14.57 -16.03 -9.36
C ALA B 3 13.81 -17.33 -9.13
N VAL B 4 14.26 -18.40 -9.78
CA VAL B 4 13.58 -19.69 -9.67
C VAL B 4 13.54 -20.23 -8.24
N GLU B 5 14.65 -20.08 -7.51
CA GLU B 5 14.71 -20.54 -6.13
C GLU B 5 13.77 -19.72 -5.25
N ILE B 6 13.71 -18.41 -5.49
CA ILE B 6 12.83 -17.58 -4.67
C ILE B 6 11.39 -18.06 -4.76
N ILE B 7 10.92 -18.33 -5.97
CA ILE B 7 9.53 -18.76 -6.12
C ILE B 7 9.31 -20.27 -5.86
N SER B 8 10.37 -21.00 -5.55
CA SER B 8 10.20 -22.41 -5.20
C SER B 8 10.06 -22.67 -3.71
N ARG B 9 10.12 -21.62 -2.90
CA ARG B 9 9.95 -21.75 -1.46
C ARG B 9 8.49 -22.05 -1.13
N ASP B 10 8.27 -22.68 0.01
CA ASP B 10 6.94 -22.88 0.58
C ASP B 10 6.61 -21.69 1.48
N ILE B 11 5.48 -21.05 1.23
CA ILE B 11 5.12 -19.85 1.98
C ILE B 11 3.63 -19.78 2.26
N TYR B 12 2.91 -20.84 1.89
CA TYR B 12 1.46 -20.84 1.95
C TYR B 12 0.94 -20.57 3.38
N LYS B 13 1.47 -21.26 4.38
CA LYS B 13 0.97 -21.10 5.74
C LYS B 13 1.19 -19.68 6.25
N ALA B 14 2.36 -19.12 5.97
CA ALA B 14 2.64 -17.75 6.41
C ALA B 14 1.67 -16.74 5.79
N ILE B 15 1.41 -16.89 4.49
CA ILE B 15 0.46 -15.97 3.83
C ILE B 15 -0.97 -16.20 4.33
N ASP B 16 -1.29 -17.46 4.66
CA ASP B 16 -2.58 -17.79 5.23
C ASP B 16 -2.76 -17.05 6.57
N ILE B 17 -1.75 -17.13 7.43
CA ILE B 17 -1.78 -16.41 8.70
C ILE B 17 -1.82 -14.88 8.50
N GLN B 18 -0.98 -14.38 7.59
CA GLN B 18 -0.99 -12.95 7.29
C GLN B 18 -2.38 -12.45 6.88
N THR B 19 -3.09 -13.23 6.08
CA THR B 19 -4.43 -12.88 5.64
C THR B 19 -5.36 -12.71 6.86
N LYS B 20 -5.29 -13.67 7.78
CA LYS B 20 -6.08 -13.61 9.00
C LYS B 20 -5.67 -12.43 9.89
N ILE B 21 -4.38 -12.13 9.95
CA ILE B 21 -3.94 -10.99 10.74
C ILE B 21 -4.45 -9.68 10.18
N LEU B 22 -4.32 -9.49 8.86
CA LEU B 22 -4.76 -8.26 8.22
C LEU B 22 -6.29 -8.06 8.36
N ASP B 23 -7.03 -9.15 8.23
CA ASP B 23 -8.50 -9.10 8.37
C ASP B 23 -8.86 -8.66 9.78
N TYR B 24 -8.12 -9.19 10.75
CA TYR B 24 -8.40 -8.87 12.17
C TYR B 24 -8.05 -7.41 12.49
N MET B 25 -6.84 -6.98 12.11
CA MET B 25 -6.38 -5.64 12.43
C MET B 25 -7.17 -4.54 11.74
N THR B 26 -7.48 -4.71 10.45
CA THR B 26 -8.25 -3.66 9.76
C THR B 26 -9.67 -3.56 10.33
N LYS B 27 -10.28 -4.70 10.60
CA LYS B 27 -11.59 -4.71 11.28
C LYS B 27 -11.53 -4.05 12.68
N PHE B 28 -10.43 -4.23 13.41
CA PHE B 28 -10.26 -3.64 14.74
C PHE B 28 -10.38 -2.12 14.63
N PHE B 29 -9.71 -1.52 13.66
CA PHE B 29 -9.74 -0.07 13.55
C PHE B 29 -11.05 0.45 12.94
N THR B 30 -11.58 -0.24 11.93
CA THR B 30 -12.85 0.24 11.36
C THR B 30 -13.99 0.13 12.38
N ASP B 31 -13.96 -0.91 13.21
CA ASP B 31 -14.96 -1.10 14.26
C ASP B 31 -15.01 0.06 15.24
N ARG B 32 -13.86 0.69 15.48
CA ARG B 32 -13.75 1.76 16.46
C ARG B 32 -13.86 3.13 15.81
N GLY B 33 -14.37 3.17 14.59
CA GLY B 33 -14.60 4.41 13.87
C GLY B 33 -13.41 5.11 13.23
N PHE B 34 -12.32 4.40 12.98
CA PHE B 34 -11.18 4.97 12.29
C PHE B 34 -11.46 5.08 10.79
N LYS B 35 -11.02 6.17 10.17
CA LYS B 35 -11.07 6.30 8.71
C LYS B 35 -9.92 5.50 8.08
N TRP B 36 -10.15 4.90 6.93
CA TRP B 36 -9.11 4.08 6.29
C TRP B 36 -8.48 4.88 5.15
N LEU B 37 -7.26 5.38 5.35
CA LEU B 37 -6.56 6.17 4.33
C LEU B 37 -5.68 5.31 3.42
N LEU B 38 -5.37 5.81 2.21
CA LEU B 38 -4.45 5.12 1.30
C LEU B 38 -3.03 5.71 1.42
N PRO B 39 -2.00 4.89 1.16
CA PRO B 39 -0.66 5.41 1.42
C PRO B 39 -0.17 6.44 0.40
N ILE B 40 0.91 7.15 0.72
CA ILE B 40 1.67 7.91 -0.27
C ILE B 40 3.12 7.43 -0.24
N MET B 41 3.76 7.40 -1.41
CA MET B 41 5.11 6.87 -1.50
C MET B 41 6.13 7.94 -1.87
N LEU B 42 5.67 9.03 -2.48
CA LEU B 42 6.55 10.12 -2.91
C LEU B 42 6.11 11.46 -2.37
N SER B 43 7.03 12.21 -1.79
CA SER B 43 6.72 13.52 -1.21
C SER B 43 8.00 14.34 -0.99
N PRO B 44 7.87 15.68 -1.02
CA PRO B 44 9.05 16.51 -0.69
C PRO B 44 9.48 16.32 0.77
N ILE B 45 8.59 15.82 1.61
CA ILE B 45 8.93 15.62 3.02
C ILE B 45 8.72 14.18 3.47
N THR B 46 9.56 13.74 4.40
CA THR B 46 9.33 12.44 5.02
C THR B 46 10.04 12.37 6.36
N ASP B 47 9.71 11.33 7.13
CA ASP B 47 10.32 11.04 8.42
C ASP B 47 11.85 11.01 8.28
N PRO B 48 12.56 11.81 9.11
CA PRO B 48 14.04 11.75 9.08
C PRO B 48 14.60 10.47 9.71
N LEU B 49 13.83 9.84 10.60
CA LEU B 49 14.29 8.64 11.31
C LEU B 49 15.55 8.93 12.13
N TRP B 50 15.74 10.19 12.50
CA TRP B 50 16.91 10.62 13.24
C TRP B 50 16.60 11.94 13.94
N PRO B 51 17.12 12.15 15.16
CA PRO B 51 17.94 11.24 15.98
C PRO B 51 17.12 10.04 16.45
N ASP B 52 17.76 8.89 16.63
CA ASP B 52 17.07 7.69 17.11
C ASP B 52 18.07 6.64 17.58
N ILE B 58 20.69 7.17 8.15
CA ILE B 58 20.46 6.87 6.74
C ILE B 58 19.58 7.91 6.04
N ARG B 59 19.87 8.18 4.77
CA ARG B 59 19.12 9.18 4.02
C ARG B 59 18.07 8.55 3.12
N PRO B 60 16.94 9.25 2.92
CA PRO B 60 15.83 8.70 2.12
C PRO B 60 16.24 8.51 0.67
N ALA B 61 15.75 7.45 0.04
CA ALA B 61 15.93 7.30 -1.40
C ALA B 61 15.18 8.43 -2.06
N GLU B 62 15.72 8.96 -3.14
CA GLU B 62 15.10 10.09 -3.82
C GLU B 62 14.94 9.85 -5.30
N VAL B 63 13.95 10.49 -5.90
CA VAL B 63 13.73 10.46 -7.35
C VAL B 63 13.12 11.77 -7.82
N ASP B 64 13.47 12.20 -9.02
CA ASP B 64 12.91 13.42 -9.56
C ASP B 64 11.54 13.17 -10.17
N VAL B 65 10.61 14.05 -9.86
CA VAL B 65 9.25 13.98 -10.37
C VAL B 65 8.92 15.31 -11.04
N TYR B 66 8.78 15.30 -12.36
CA TYR B 66 8.53 16.52 -13.09
C TYR B 66 9.50 17.63 -12.63
N GLY B 67 10.78 17.28 -12.51
CA GLY B 67 11.81 18.25 -12.21
C GLY B 67 12.03 18.61 -10.75
N VAL B 68 11.27 17.97 -9.86
CA VAL B 68 11.37 18.25 -8.43
C VAL B 68 11.83 17.00 -7.67
N ARG B 69 12.73 17.21 -6.70
CA ARG B 69 13.27 16.09 -5.92
C ARG B 69 12.27 15.62 -4.88
N MET B 70 11.89 14.35 -4.96
CA MET B 70 10.92 13.77 -4.05
C MET B 70 11.62 12.70 -3.23
N ARG B 71 11.17 12.53 -1.99
CA ARG B 71 11.69 11.50 -1.11
C ARG B 71 10.75 10.31 -1.09
N LEU B 72 11.31 9.10 -1.13
CA LEU B 72 10.50 7.90 -0.94
C LEU B 72 10.17 7.77 0.54
N THR B 73 8.96 7.30 0.84
CA THR B 73 8.47 7.30 2.21
C THR B 73 9.34 6.51 3.20
N HIS B 74 9.95 7.22 4.15
CA HIS B 74 10.57 6.58 5.32
C HIS B 74 9.48 6.17 6.31
N SER B 75 8.56 7.09 6.58
CA SER B 75 7.30 6.76 7.26
C SER B 75 6.32 7.90 7.02
N MET B 76 5.03 7.64 7.21
CA MET B 76 4.00 8.65 6.93
C MET B 76 3.68 9.54 8.13
N ILE B 77 4.57 9.57 9.11
CA ILE B 77 4.31 10.33 10.33
C ILE B 77 3.85 11.78 10.08
N LEU B 78 4.48 12.47 9.16
CA LEU B 78 4.13 13.88 8.98
C LEU B 78 2.80 13.98 8.28
N HIS B 79 2.51 13.02 7.40
CA HIS B 79 1.24 13.00 6.68
C HIS B 79 0.09 12.65 7.62
N LYS B 80 0.37 11.81 8.62
CA LYS B 80 -0.65 11.46 9.59
C LYS B 80 -1.06 12.72 10.36
N GLN B 81 -0.09 13.53 10.76
CA GLN B 81 -0.39 14.76 11.47
C GLN B 81 -1.16 15.74 10.59
N LEU B 82 -0.83 15.78 9.30
CA LEU B 82 -1.57 16.64 8.38
C LEU B 82 -3.03 16.20 8.21
N ALA B 83 -3.28 14.90 8.27
CA ALA B 83 -4.64 14.39 8.16
C ALA B 83 -5.45 14.73 9.40
N ILE B 84 -4.82 14.69 10.56
CA ILE B 84 -5.45 15.18 11.78
C ILE B 84 -5.81 16.66 11.62
N ALA B 85 -4.87 17.44 11.08
CA ALA B 85 -5.10 18.86 10.85
C ALA B 85 -6.27 19.14 9.88
N MET B 86 -6.56 18.16 9.02
CA MET B 86 -7.66 18.31 8.07
C MET B 86 -9.00 17.95 8.70
N GLY B 87 -8.96 17.46 9.93
CA GLY B 87 -10.17 17.15 10.67
C GLY B 87 -10.70 15.74 10.50
N LEU B 88 -9.80 14.79 10.23
CA LEU B 88 -10.24 13.41 10.03
C LEU B 88 -10.42 12.63 11.35
N GLU B 89 -9.91 13.17 12.45
CA GLU B 89 -10.22 12.66 13.80
C GLU B 89 -9.43 11.41 14.18
N LYS B 90 -9.72 10.30 13.51
CA LYS B 90 -9.04 9.05 13.78
C LYS B 90 -8.79 8.37 12.44
N ILE B 91 -7.52 8.03 12.17
CA ILE B 91 -7.16 7.48 10.88
C ILE B 91 -6.15 6.34 11.01
N PHE B 92 -6.11 5.47 10.00
CA PHE B 92 -5.06 4.47 9.88
C PHE B 92 -4.82 4.18 8.42
N VAL B 93 -3.64 3.68 8.12
CA VAL B 93 -3.25 3.33 6.76
C VAL B 93 -2.31 2.12 6.82
N LEU B 94 -2.42 1.22 5.84
CA LEU B 94 -1.43 0.16 5.65
C LEU B 94 -0.34 0.75 4.75
N SER B 95 0.73 1.23 5.37
CA SER B 95 1.69 2.10 4.69
C SER B 95 3.00 1.38 4.38
N PRO B 96 3.32 1.21 3.08
CA PRO B 96 4.65 0.67 2.78
C PRO B 96 5.72 1.71 3.10
N ASN B 97 6.85 1.24 3.61
CA ASN B 97 8.01 2.10 3.83
C ASN B 97 9.21 1.59 3.02
N ILE B 98 10.08 2.50 2.63
CA ILE B 98 11.36 2.11 2.01
C ILE B 98 12.51 2.64 2.87
N ARG B 99 13.31 1.74 3.44
CA ARG B 99 14.41 2.15 4.32
C ARG B 99 15.65 1.35 3.93
N LEU B 100 16.58 2.01 3.25
CA LEU B 100 17.76 1.34 2.70
C LEU B 100 18.84 1.16 3.76
N GLU B 101 18.62 0.21 4.66
CA GLU B 101 19.51 0.02 5.82
C GLU B 101 20.74 -0.76 5.40
N SER B 102 21.80 -0.69 6.20
CA SER B 102 23.04 -1.35 5.80
C SER B 102 22.98 -2.85 5.98
N ARG B 103 23.99 -3.54 5.44
CA ARG B 103 24.10 -4.99 5.59
C ARG B 103 24.16 -5.42 7.06
N ARG B 104 24.57 -4.50 7.93
CA ARG B 104 24.66 -4.83 9.36
C ARG B 104 23.29 -5.09 9.97
N LYS B 105 22.25 -4.46 9.43
CA LYS B 105 20.90 -4.61 9.95
C LYS B 105 20.23 -5.91 9.53
N ASP B 106 20.91 -6.74 8.73
CA ASP B 106 20.31 -8.02 8.41
C ASP B 106 20.38 -8.94 9.63
N ASP B 107 19.43 -8.75 10.55
CA ASP B 107 19.45 -9.42 11.85
C ASP B 107 18.26 -10.36 12.00
N GLY B 108 17.52 -10.54 10.91
CA GLY B 108 16.34 -11.39 10.93
C GLY B 108 15.03 -10.67 11.19
N ARG B 109 15.09 -9.41 11.60
CA ARG B 109 13.82 -8.67 11.73
C ARG B 109 13.76 -7.42 10.88
N HIS B 110 14.79 -7.19 10.05
CA HIS B 110 14.77 -6.01 9.15
C HIS B 110 14.63 -6.41 7.69
N SER B 111 13.86 -5.61 6.95
CA SER B 111 13.72 -5.73 5.50
C SER B 111 13.78 -4.30 4.92
N TYR B 112 14.35 -4.11 3.73
CA TYR B 112 14.44 -2.74 3.22
C TYR B 112 13.13 -2.19 2.61
N GLU B 113 12.16 -3.08 2.43
CA GLU B 113 10.78 -2.70 2.12
C GLU B 113 9.88 -3.43 3.10
N PHE B 114 8.95 -2.71 3.72
CA PHE B 114 8.00 -3.34 4.63
C PHE B 114 6.74 -2.50 4.76
N THR B 115 5.74 -3.02 5.46
CA THR B 115 4.50 -2.29 5.70
C THR B 115 4.26 -2.11 7.19
N GLN B 116 3.86 -0.91 7.60
CA GLN B 116 3.37 -0.77 8.96
C GLN B 116 1.91 -0.30 8.92
N LEU B 117 1.11 -0.85 9.83
CA LEU B 117 -0.22 -0.35 10.02
C LEU B 117 -0.06 0.86 10.94
N ASP B 118 -0.26 2.04 10.35
CA ASP B 118 0.09 3.30 11.00
C ASP B 118 -1.20 4.02 11.34
N PHE B 119 -1.35 4.50 12.58
CA PHE B 119 -2.61 5.14 12.98
C PHE B 119 -2.41 6.37 13.87
N GLU B 120 -3.41 7.22 13.92
CA GLU B 120 -3.28 8.48 14.65
C GLU B 120 -4.65 8.92 15.12
N ILE B 121 -4.70 9.58 16.28
CA ILE B 121 -5.94 9.93 16.95
C ILE B 121 -5.84 11.33 17.54
N GLU B 122 -6.74 12.22 17.12
CA GLU B 122 -6.72 13.59 17.64
C GLU B 122 -7.00 13.58 19.13
N GLY B 123 -6.20 14.32 19.89
CA GLY B 123 -6.45 14.52 21.31
C GLY B 123 -6.07 13.40 22.26
N ALA B 124 -5.58 12.30 21.73
CA ALA B 124 -5.29 11.14 22.58
C ALA B 124 -3.98 11.32 23.36
N LYS B 125 -3.93 10.67 24.52
CA LYS B 125 -2.74 10.72 25.39
C LYS B 125 -2.01 9.39 25.31
N MET B 126 -0.76 9.36 25.76
CA MET B 126 0.05 8.16 25.63
C MET B 126 -0.62 6.91 26.20
N LYS B 127 -1.18 7.00 27.40
CA LYS B 127 -1.80 5.83 28.03
C LYS B 127 -3.07 5.37 27.30
N ASP B 128 -3.70 6.27 26.54
CA ASP B 128 -4.85 5.90 25.70
C ASP B 128 -4.44 4.99 24.54
N VAL B 129 -3.34 5.34 23.90
CA VAL B 129 -2.85 4.57 22.77
C VAL B 129 -2.28 3.22 23.24
N MET B 130 -1.58 3.21 24.36
CA MET B 130 -1.04 1.97 24.87
C MET B 130 -2.15 0.98 25.21
N ARG B 131 -3.19 1.47 25.88
CA ARG B 131 -4.33 0.61 26.22
C ARG B 131 -4.98 0.03 24.97
N LEU B 132 -5.08 0.86 23.93
CA LEU B 132 -5.65 0.43 22.67
C LEU B 132 -4.82 -0.68 22.00
N ILE B 133 -3.49 -0.51 21.99
CA ILE B 133 -2.60 -1.52 21.43
C ILE B 133 -2.65 -2.82 22.24
N GLU B 134 -2.73 -2.71 23.56
CA GLU B 134 -2.89 -3.89 24.40
C GLU B 134 -4.15 -4.67 24.07
N GLU B 135 -5.26 -3.96 23.86
CA GLU B 135 -6.50 -4.63 23.49
C GLU B 135 -6.36 -5.36 22.16
N LEU B 136 -5.68 -4.71 21.22
CA LEU B 136 -5.47 -5.30 19.90
C LEU B 136 -4.67 -6.60 20.00
N ILE B 137 -3.51 -6.53 20.63
CA ILE B 137 -2.63 -7.67 20.78
C ILE B 137 -3.26 -8.83 21.56
N TYR B 138 -3.86 -8.55 22.71
CA TYR B 138 -4.54 -9.60 23.47
C TYR B 138 -5.53 -10.34 22.58
N GLY B 139 -6.38 -9.57 21.89
CA GLY B 139 -7.37 -10.15 21.00
C GLY B 139 -6.75 -10.99 19.90
N LEU B 140 -5.64 -10.50 19.35
CA LEU B 140 -4.97 -11.19 18.25
C LEU B 140 -4.38 -12.48 18.74
N PHE B 141 -3.77 -12.44 19.93
CA PHE B 141 -3.11 -13.62 20.48
C PHE B 141 -4.11 -14.73 20.78
N ARG B 142 -5.31 -14.36 21.24
CA ARG B 142 -6.35 -15.35 21.48
C ARG B 142 -6.82 -15.97 20.18
N LYS B 143 -7.00 -15.17 19.13
CA LYS B 143 -7.42 -15.70 17.84
C LYS B 143 -6.33 -16.60 17.26
N ALA B 144 -5.08 -16.22 17.47
CA ALA B 144 -3.97 -16.99 16.89
C ALA B 144 -3.87 -18.39 17.51
N GLU B 145 -4.38 -18.55 18.73
CA GLU B 145 -4.38 -19.86 19.37
C GLU B 145 -5.39 -20.74 18.65
N GLU B 146 -6.48 -20.14 18.19
CA GLU B 146 -7.46 -20.88 17.40
C GLU B 146 -6.88 -21.23 16.03
N TRP B 147 -6.34 -20.23 15.32
CA TRP B 147 -5.79 -20.46 13.99
C TRP B 147 -4.71 -21.54 13.99
N THR B 148 -3.84 -21.53 14.99
CA THR B 148 -2.61 -22.33 14.95
C THR B 148 -2.56 -23.51 15.91
N GLY B 149 -3.52 -23.61 16.81
CA GLY B 149 -3.52 -24.66 17.81
C GLY B 149 -2.38 -24.59 18.83
N ARG B 150 -1.59 -23.52 18.77
CA ARG B 150 -0.51 -23.33 19.75
C ARG B 150 -0.87 -22.25 20.77
N GLU B 151 -0.08 -22.18 21.85
CA GLU B 151 -0.30 -21.24 22.94
C GLU B 151 0.54 -19.96 22.80
N PHE B 152 -0.07 -18.82 23.11
CA PHE B 152 0.61 -17.53 23.03
C PHE B 152 0.56 -16.82 24.37
N PRO B 153 1.41 -15.79 24.53
CA PRO B 153 1.44 -14.94 25.74
C PRO B 153 0.05 -14.50 26.16
N ARG B 154 -0.15 -14.47 27.47
CA ARG B 154 -1.46 -14.32 28.07
C ARG B 154 -1.78 -12.91 28.50
N ALA B 155 -0.76 -12.22 29.02
CA ALA B 155 -0.94 -10.91 29.64
C ALA B 155 -1.98 -10.04 28.94
N ARG B 156 -2.88 -9.49 29.75
CA ARG B 156 -3.92 -8.61 29.28
C ARG B 156 -3.36 -7.19 29.26
N HIS B 157 -2.43 -6.93 30.18
CA HIS B 157 -1.70 -5.67 30.22
C HIS B 157 -0.20 -5.97 30.36
N PHE B 158 0.64 -5.08 29.82
CA PHE B 158 2.09 -5.32 29.73
C PHE B 158 2.91 -4.47 30.72
N LYS B 159 4.06 -4.99 31.13
CA LYS B 159 4.94 -4.29 32.06
C LYS B 159 5.53 -3.04 31.41
N VAL B 160 5.69 -1.97 32.18
CA VAL B 160 6.25 -0.74 31.64
C VAL B 160 7.65 -0.43 32.17
N TYR B 161 8.62 -0.38 31.28
CA TYR B 161 10.00 -0.03 31.64
C TYR B 161 10.36 1.34 31.10
N ASP B 162 10.98 2.15 31.93
CA ASP B 162 11.58 3.39 31.44
C ASP B 162 12.81 3.01 30.60
N TYR B 163 13.09 3.82 29.59
CA TYR B 163 14.18 3.54 28.66
C TYR B 163 15.52 3.38 29.38
N LYS B 164 15.82 4.32 30.27
CA LYS B 164 17.07 4.28 31.02
C LYS B 164 17.21 3.01 31.85
N ASP B 165 16.09 2.51 32.38
CA ASP B 165 16.11 1.28 33.19
C ASP B 165 16.40 0.05 32.35
N ILE B 166 16.06 0.09 31.07
CA ILE B 166 16.37 -1.00 30.16
C ILE B 166 17.87 -1.00 29.89
N LEU B 167 18.42 0.18 29.61
CA LEU B 167 19.84 0.29 29.27
C LEU B 167 20.72 -0.20 30.42
N GLU B 168 20.31 0.09 31.64
CA GLU B 168 21.12 -0.21 32.81
C GLU B 168 21.01 -1.67 33.25
N GLU B 169 19.90 -2.31 32.95
CA GLU B 169 19.63 -3.66 33.41
C GLU B 169 19.91 -4.72 32.34
N PHE B 170 19.69 -4.36 31.09
CA PHE B 170 19.86 -5.31 29.97
C PHE B 170 20.83 -4.84 28.89
N GLY B 171 21.05 -3.53 28.80
CA GLY B 171 21.95 -2.98 27.80
C GLY B 171 21.27 -2.48 26.54
N SER B 172 20.24 -3.19 26.10
CA SER B 172 19.47 -2.77 24.92
C SER B 172 18.13 -3.47 24.90
N ASP B 173 17.22 -2.98 24.08
CA ASP B 173 15.88 -3.56 23.99
C ASP B 173 15.93 -4.98 23.44
N GLU B 174 16.98 -5.27 22.68
CA GLU B 174 17.13 -6.59 22.07
C GLU B 174 17.49 -7.63 23.13
N LYS B 175 18.37 -7.26 24.05
CA LYS B 175 18.74 -8.17 25.13
C LYS B 175 17.56 -8.37 26.09
N ALA B 176 16.81 -7.31 26.32
CA ALA B 176 15.61 -7.40 27.14
C ALA B 176 14.63 -8.39 26.51
N SER B 177 14.43 -8.28 25.20
CA SER B 177 13.49 -9.14 24.49
C SER B 177 13.82 -10.61 24.74
N MET B 178 15.09 -10.96 24.64
CA MET B 178 15.51 -12.35 24.69
C MET B 178 15.23 -12.99 26.04
N GLU B 179 14.92 -12.17 27.03
CA GLU B 179 14.76 -12.68 28.38
C GLU B 179 13.33 -12.58 28.93
N MET B 180 12.40 -12.09 28.12
CA MET B 180 10.99 -12.00 28.52
C MET B 180 10.14 -13.10 27.91
N GLU B 181 9.01 -13.39 28.54
CA GLU B 181 8.06 -14.33 27.97
C GLU B 181 6.71 -13.65 27.69
N GLU B 182 6.64 -12.35 27.97
CA GLU B 182 5.45 -11.56 27.66
C GLU B 182 5.85 -10.28 26.94
N PRO B 183 4.94 -9.73 26.12
CA PRO B 183 5.19 -8.43 25.51
C PRO B 183 5.40 -7.38 26.60
N PHE B 184 6.29 -6.42 26.37
CA PHE B 184 6.50 -5.35 27.36
C PHE B 184 6.71 -4.00 26.71
N TRP B 185 6.44 -2.93 27.46
CA TRP B 185 6.57 -1.57 26.95
C TRP B 185 7.90 -0.95 27.37
N ILE B 186 8.48 -0.15 26.48
CA ILE B 186 9.56 0.77 26.85
C ILE B 186 9.09 2.19 26.59
N VAL B 187 9.25 3.06 27.59
CA VAL B 187 8.73 4.42 27.49
C VAL B 187 9.81 5.47 27.71
N ASN B 188 9.56 6.69 27.24
CA ASN B 188 10.46 7.81 27.50
C ASN B 188 11.81 7.69 26.76
N ILE B 189 11.72 7.63 25.44
CA ILE B 189 12.88 7.45 24.60
C ILE B 189 13.16 8.71 23.78
N PRO B 190 14.32 9.33 24.00
CA PRO B 190 14.66 10.51 23.20
C PRO B 190 14.88 10.14 21.73
N ARG B 191 14.12 10.74 20.82
CA ARG B 191 14.27 10.47 19.39
C ARG B 191 13.82 11.63 18.48
N GLU B 192 13.08 11.33 17.40
CA GLU B 192 12.72 12.33 16.39
C GLU B 192 11.93 13.53 16.92
N PHE B 193 11.99 14.65 16.19
CA PHE B 193 11.37 15.91 16.60
C PHE B 193 9.85 15.87 16.82
N TYR B 194 9.17 14.95 16.13
CA TYR B 194 7.71 14.91 16.22
C TYR B 194 7.13 14.30 17.50
N ASP B 195 7.90 13.50 18.23
CA ASP B 195 7.38 12.99 19.50
C ASP B 195 7.35 14.13 20.52
N ARG B 196 6.34 14.13 21.39
CA ARG B 196 6.21 15.22 22.35
C ARG B 196 7.13 15.05 23.56
N GLU B 197 7.88 16.12 23.86
CA GLU B 197 8.77 16.13 25.00
C GLU B 197 8.32 17.23 25.97
N GLU B 198 8.18 16.86 27.24
CA GLU B 198 7.69 17.76 28.29
C GLU B 198 8.54 17.60 29.56
N ASN B 199 9.33 18.62 29.87
CA ASN B 199 10.13 18.61 31.11
C ASN B 199 11.23 17.56 31.08
N GLY B 200 11.82 17.32 29.92
CA GLY B 200 12.84 16.29 29.77
C GLY B 200 12.27 14.89 29.71
N VAL B 201 10.94 14.78 29.79
CA VAL B 201 10.28 13.49 29.65
C VAL B 201 9.64 13.39 28.26
N TRP B 202 9.85 12.26 27.58
CA TRP B 202 9.25 12.05 26.26
C TRP B 202 7.99 11.21 26.38
N LYS B 203 6.89 11.70 25.82
CA LYS B 203 5.62 10.98 25.93
C LYS B 203 5.46 9.90 24.86
N ASN B 204 6.39 8.95 24.83
CA ASN B 204 6.41 7.94 23.75
C ASN B 204 6.63 6.50 24.22
N TYR B 205 6.53 5.53 23.31
CA TYR B 205 6.44 4.14 23.72
C TYR B 205 6.77 3.17 22.59
N ASP B 206 7.50 2.11 22.93
CA ASP B 206 7.76 1.00 22.03
C ASP B 206 7.15 -0.27 22.61
N LEU B 207 6.47 -1.06 21.78
CA LEU B 207 6.04 -2.38 22.22
C LEU B 207 7.05 -3.44 21.77
N ILE B 208 7.55 -4.23 22.72
CA ILE B 208 8.59 -5.20 22.40
C ILE B 208 8.03 -6.59 22.57
N LEU B 209 8.27 -7.46 21.59
CA LEU B 209 7.81 -8.84 21.70
C LEU B 209 8.86 -9.63 22.50
N PRO B 210 8.44 -10.76 23.09
CA PRO B 210 9.32 -11.62 23.87
C PRO B 210 10.05 -12.66 23.03
N TYR B 211 10.83 -13.50 23.71
CA TYR B 211 11.57 -14.59 23.08
C TYR B 211 12.57 -14.12 22.02
N GLY B 212 13.01 -12.87 22.16
CA GLY B 212 14.04 -12.32 21.28
C GLY B 212 13.52 -11.73 19.98
N TYR B 213 12.22 -11.79 19.74
CA TYR B 213 11.68 -11.24 18.48
C TYR B 213 11.79 -9.72 18.35
N GLY B 214 11.94 -9.01 19.47
CA GLY B 214 12.20 -7.58 19.44
C GLY B 214 11.02 -6.65 19.17
N GLU B 215 11.34 -5.37 18.96
CA GLU B 215 10.34 -4.32 18.75
C GLU B 215 9.29 -4.66 17.70
N VAL B 216 8.01 -4.40 18.01
CA VAL B 216 6.95 -4.58 17.00
C VAL B 216 6.15 -3.27 16.71
N SER B 217 6.26 -2.29 17.60
CA SER B 217 5.56 -1.02 17.42
C SER B 217 6.29 0.15 18.07
N SER B 218 6.12 1.35 17.52
CA SER B 218 6.60 2.59 18.12
C SER B 218 5.53 3.65 17.97
N GLY B 219 5.38 4.51 18.97
CA GLY B 219 4.41 5.59 18.85
C GLY B 219 4.62 6.65 19.91
N GLY B 220 3.80 7.69 19.90
CA GLY B 220 3.91 8.74 20.88
C GLY B 220 2.87 9.83 20.70
N GLU B 221 2.76 10.68 21.72
CA GLU B 221 2.03 11.92 21.59
C GLU B 221 2.93 12.80 20.75
N ARG B 222 2.38 13.81 20.10
CA ARG B 222 3.14 14.61 19.16
C ARG B 222 3.33 16.08 19.57
N GLU B 223 4.43 16.68 19.12
CA GLU B 223 4.58 18.13 19.16
C GLU B 223 3.71 18.76 18.07
N TRP B 224 3.08 19.89 18.36
CA TRP B 224 2.27 20.59 17.38
C TRP B 224 2.60 22.08 17.28
N GLU B 225 3.36 22.59 18.24
CA GLU B 225 3.68 24.01 18.27
C GLU B 225 4.94 24.33 17.46
N TYR B 226 4.81 25.31 16.57
CA TYR B 226 5.90 25.63 15.65
C TYR B 226 7.27 25.88 16.28
N GLU B 227 7.30 26.70 17.34
CA GLU B 227 8.58 27.08 17.96
C GLU B 227 9.26 25.86 18.59
N LYS B 228 8.48 25.06 19.30
CA LYS B 228 9.00 23.86 19.94
C LYS B 228 9.52 22.89 18.89
N ILE B 229 8.84 22.83 17.76
CA ILE B 229 9.21 21.89 16.70
C ILE B 229 10.52 22.29 16.05
N VAL B 230 10.68 23.57 15.75
CA VAL B 230 11.83 24.00 14.97
C VAL B 230 13.11 24.00 15.82
N ALA B 231 12.95 24.20 17.12
CA ALA B 231 14.06 24.09 18.06
C ALA B 231 14.68 22.69 18.04
N LYS B 232 13.83 21.65 18.12
CA LYS B 232 14.34 20.28 18.14
C LYS B 232 15.01 19.92 16.81
N ILE B 233 14.50 20.46 15.71
CA ILE B 233 15.07 20.21 14.40
C ILE B 233 16.45 20.86 14.27
N ARG B 234 16.54 22.13 14.67
CA ARG B 234 17.81 22.86 14.64
C ARG B 234 18.82 22.15 15.53
N ALA B 235 18.41 21.90 16.77
CA ALA B 235 19.30 21.27 17.75
C ALA B 235 19.89 19.95 17.25
N ALA B 236 19.08 19.20 16.49
CA ALA B 236 19.50 17.88 16.03
C ALA B 236 20.48 17.98 14.86
N GLY B 237 20.53 19.14 14.22
CA GLY B 237 21.40 19.33 13.08
C GLY B 237 20.73 19.05 11.75
N LEU B 238 19.39 18.99 11.76
CA LEU B 238 18.64 18.78 10.52
C LEU B 238 18.36 20.11 9.83
N LYS B 239 18.05 20.05 8.55
CA LYS B 239 17.75 21.26 7.76
C LYS B 239 16.26 21.59 7.75
N GLU B 240 15.89 22.74 8.28
CA GLU B 240 14.50 23.18 8.28
C GLU B 240 13.90 23.14 6.88
N ASP B 241 14.73 23.34 5.86
CA ASP B 241 14.23 23.42 4.50
C ASP B 241 13.90 22.06 3.88
N SER B 242 14.17 20.98 4.61
CA SER B 242 13.73 19.67 4.16
C SER B 242 12.37 19.33 4.75
N PHE B 243 11.77 20.31 5.44
CA PHE B 243 10.44 20.15 6.02
C PHE B 243 9.53 21.36 5.75
N ARG B 244 9.83 22.10 4.68
CA ARG B 244 9.19 23.41 4.48
C ARG B 244 7.66 23.43 4.56
N PRO B 245 6.98 22.70 3.67
CA PRO B 245 5.51 22.76 3.70
C PRO B 245 4.90 22.31 5.03
N TYR B 246 5.56 21.40 5.73
CA TYR B 246 5.11 20.99 7.05
C TYR B 246 5.25 22.15 8.04
N LEU B 247 6.40 22.82 8.02
CA LEU B 247 6.63 23.93 8.94
C LEU B 247 5.70 25.11 8.62
N GLU B 248 5.33 25.24 7.35
CA GLU B 248 4.35 26.26 6.94
C GLU B 248 3.04 26.04 7.68
N ILE B 249 2.62 24.79 7.72
CA ILE B 249 1.37 24.42 8.40
C ILE B 249 1.46 24.62 9.92
N ALA B 250 2.59 24.23 10.50
CA ALA B 250 2.80 24.44 11.93
C ALA B 250 2.77 25.93 12.27
N ARG B 251 3.45 26.72 11.44
CA ARG B 251 3.52 28.16 11.63
C ARG B 251 2.13 28.80 11.45
N ALA B 252 1.32 28.22 10.58
CA ALA B 252 -0.04 28.72 10.35
C ALA B 252 -0.97 28.37 11.51
N GLY B 253 -0.47 27.57 12.45
CA GLY B 253 -1.20 27.23 13.66
C GLY B 253 -2.22 26.12 13.50
N LYS B 254 -1.98 25.24 12.53
CA LYS B 254 -2.99 24.26 12.14
C LYS B 254 -2.74 22.86 12.71
N LEU B 255 -1.55 22.60 13.21
CA LEU B 255 -1.29 21.28 13.79
C LEU B 255 -2.09 21.16 15.07
N LYS B 256 -2.56 19.94 15.35
CA LYS B 256 -3.35 19.69 16.55
C LYS B 256 -2.65 18.67 17.42
N PRO B 257 -2.88 18.75 18.74
CA PRO B 257 -2.41 17.69 19.63
C PRO B 257 -2.94 16.34 19.18
N SER B 258 -2.09 15.31 19.15
CA SER B 258 -2.56 13.95 18.88
C SER B 258 -1.58 12.92 19.39
N ALA B 259 -1.95 11.65 19.25
CA ALA B 259 -1.05 10.54 19.51
C ALA B 259 -1.38 9.39 18.58
N GLY B 260 -0.41 8.52 18.33
CA GLY B 260 -0.64 7.32 17.54
C GLY B 260 0.54 6.37 17.60
N ALA B 261 0.63 5.48 16.62
CA ALA B 261 1.66 4.45 16.61
C ALA B 261 1.68 3.78 15.25
N GLY B 262 2.77 3.06 14.96
CA GLY B 262 2.85 2.21 13.79
C GLY B 262 3.19 0.80 14.23
N ILE B 263 2.55 -0.19 13.62
CA ILE B 263 2.77 -1.61 13.95
C ILE B 263 3.33 -2.37 12.74
N GLY B 264 4.49 -3.01 12.92
CA GLY B 264 5.11 -3.74 11.83
C GLY B 264 4.35 -5.02 11.48
N VAL B 265 3.69 -5.02 10.33
CA VAL B 265 2.90 -6.17 9.90
C VAL B 265 3.72 -7.47 9.69
N GLU B 266 4.79 -7.40 8.90
CA GLU B 266 5.66 -8.56 8.71
C GLU B 266 6.29 -9.05 10.03
N ARG B 267 6.63 -8.13 10.91
CA ARG B 267 7.18 -8.55 12.20
C ARG B 267 6.14 -9.32 13.01
N LEU B 268 4.89 -8.90 12.94
CA LEU B 268 3.81 -9.62 13.63
C LEU B 268 3.58 -11.00 13.00
N VAL B 269 3.56 -11.07 11.67
CA VAL B 269 3.36 -12.35 11.01
C VAL B 269 4.47 -13.31 11.42
N ARG B 270 5.68 -12.81 11.43
CA ARG B 270 6.84 -13.59 11.83
C ARG B 270 6.68 -14.20 13.22
N PHE B 271 6.21 -13.40 14.16
CA PHE B 271 6.04 -13.87 15.54
C PHE B 271 5.00 -14.98 15.64
N ILE B 272 3.88 -14.81 14.94
CA ILE B 272 2.75 -15.73 15.06
C ILE B 272 3.02 -17.08 14.37
N VAL B 273 3.68 -17.03 13.22
CA VAL B 273 4.09 -18.27 12.55
C VAL B 273 5.39 -18.80 13.15
N GLY B 274 6.11 -17.96 13.88
CA GLY B 274 7.35 -18.35 14.55
C GLY B 274 8.53 -18.57 13.61
N ALA B 275 8.65 -17.71 12.60
CA ALA B 275 9.73 -17.84 11.62
C ALA B 275 11.04 -17.24 12.15
N LYS B 276 12.16 -17.89 11.87
CA LYS B 276 13.44 -17.43 12.36
C LYS B 276 13.91 -16.16 11.66
N HIS B 277 13.56 -16.00 10.38
CA HIS B 277 13.93 -14.81 9.64
C HIS B 277 12.70 -14.19 8.97
N ILE B 278 12.63 -12.86 8.98
CA ILE B 278 11.49 -12.17 8.38
C ILE B 278 11.32 -12.48 6.88
N ALA B 279 12.42 -12.83 6.20
CA ALA B 279 12.35 -13.10 4.77
C ALA B 279 11.47 -14.32 4.47
N GLU B 280 11.36 -15.21 5.45
CA GLU B 280 10.53 -16.40 5.32
C GLU B 280 9.02 -16.13 5.17
N VAL B 281 8.57 -14.94 5.58
CA VAL B 281 7.14 -14.61 5.44
C VAL B 281 6.87 -13.58 4.32
N GLN B 282 7.90 -13.29 3.54
CA GLN B 282 7.73 -12.41 2.36
C GLN B 282 7.86 -13.21 1.06
N PRO B 283 6.87 -13.08 0.17
CA PRO B 283 6.97 -13.74 -1.14
C PRO B 283 8.18 -13.25 -1.95
N PHE B 284 8.51 -11.97 -1.82
CA PHE B 284 9.66 -11.40 -2.52
C PHE B 284 10.61 -10.77 -1.49
N PRO B 285 11.61 -11.53 -1.04
CA PRO B 285 12.42 -11.01 0.06
C PRO B 285 13.10 -9.69 -0.28
N ARG B 286 13.26 -8.84 0.73
CA ARG B 286 13.94 -7.57 0.61
C ARG B 286 14.98 -7.46 1.75
N VAL B 287 16.08 -8.20 1.62
CA VAL B 287 17.07 -8.31 2.70
C VAL B 287 18.10 -7.18 2.68
N PRO B 288 18.31 -6.53 3.83
CA PRO B 288 19.19 -5.36 3.85
C PRO B 288 20.59 -5.69 3.31
N GLY B 289 21.04 -4.92 2.33
CA GLY B 289 22.35 -5.09 1.73
C GLY B 289 22.35 -6.09 0.59
N ILE B 290 21.19 -6.68 0.29
CA ILE B 290 21.07 -7.60 -0.82
C ILE B 290 19.98 -7.13 -1.78
N PRO B 291 20.38 -6.44 -2.86
CA PRO B 291 19.37 -5.95 -3.80
C PRO B 291 18.54 -7.12 -4.31
N ALA B 292 17.21 -6.98 -4.26
CA ALA B 292 16.34 -8.08 -4.65
C ALA B 292 16.53 -8.45 -6.12
N VAL B 293 16.50 -9.75 -6.42
CA VAL B 293 16.57 -10.21 -7.81
C VAL B 293 15.19 -10.12 -8.48
N ILE B 294 14.15 -10.15 -7.67
CA ILE B 294 12.76 -9.95 -8.13
C ILE B 294 11.98 -9.28 -7.00
MG MG C . -6.27 -0.58 -18.20
MG MG D . -2.95 4.56 -18.41
MG MG E . -7.00 2.34 -19.46
PG ATP F . -6.03 4.63 -18.04
O1G ATP F . -5.85 4.43 -19.51
O2G ATP F . -5.06 5.72 -17.75
O3G ATP F . -7.39 5.32 -17.91
PB ATP F . -4.88 2.15 -17.30
O1B ATP F . -3.44 2.59 -17.29
O2B ATP F . -4.90 1.50 -18.64
O3B ATP F . -5.89 3.32 -17.13
PA ATP F . -4.33 -0.13 -15.81
O1A ATP F . -2.84 0.11 -15.76
O2A ATP F . -4.39 -1.18 -16.89
O3A ATP F . -5.16 1.16 -16.15
O5' ATP F . -4.90 -0.67 -14.46
C5' ATP F . -5.10 0.28 -13.47
C4' ATP F . -6.48 0.48 -12.95
O4' ATP F . -6.35 1.34 -11.82
C3' ATP F . -7.45 1.20 -13.86
O3' ATP F . -8.55 0.41 -14.33
C2' ATP F . -7.94 2.35 -13.09
O2' ATP F . -9.09 2.12 -12.37
C1' ATP F . -6.86 2.62 -12.08
N9 ATP F . -5.86 3.55 -12.56
C8 ATP F . -4.95 3.33 -13.55
N7 ATP F . -4.19 4.42 -13.75
C5 ATP F . -4.64 5.39 -12.83
C6 ATP F . -4.25 6.70 -12.55
N6 ATP F . -3.16 7.28 -13.28
N1 ATP F . -4.94 7.34 -11.57
C2 ATP F . -5.92 6.81 -10.88
N3 ATP F . -6.33 5.56 -11.11
C4 ATP F . -5.72 4.83 -12.07
N ASP G . 4.78 4.96 13.13
CA ASP G . 5.55 5.61 14.18
C ASP G . 4.71 6.57 15.00
O ASP G . 3.50 6.64 14.81
CB ASP G . 6.74 6.34 13.57
CG ASP G . 7.73 5.39 12.97
OD1 ASP G . 7.95 5.42 11.75
OD2 ASP G . 8.25 4.57 13.74
OXT ASP G . 5.24 7.27 15.87
MG MG H . 10.78 2.37 16.50
MG MG I . 13.48 1.28 17.16
MG MG J . 15.20 1.21 12.50
PG ATP K . 14.13 -0.84 14.68
O1G ATP K . 14.77 -0.29 15.94
O2G ATP K . 15.23 -0.75 13.70
O3G ATP K . 14.01 -2.33 14.96
PB ATP K . 12.35 1.27 14.09
O1B ATP K . 13.18 2.06 13.14
O2B ATP K . 12.62 2.08 15.28
O3B ATP K . 12.75 -0.22 14.23
PA ATP K . 9.95 2.61 13.66
O1A ATP K . 10.50 3.69 12.76
O2A ATP K . 9.82 3.37 14.93
O3A ATP K . 10.85 1.32 13.72
O5' ATP K . 8.48 2.22 13.21
C5' ATP K . 8.34 1.22 12.28
C4' ATP K . 7.81 -0.04 12.86
O4' ATP K . 7.68 -0.92 11.77
C3' ATP K . 8.69 -0.76 13.87
O3' ATP K . 8.20 -0.78 15.21
C2' ATP K . 8.78 -2.14 13.35
O2' ATP K . 7.72 -2.96 13.72
C1' ATP K . 8.60 -1.98 11.87
N9 ATP K . 9.83 -1.76 11.16
C8 ATP K . 10.68 -0.68 11.24
N7 ATP K . 11.74 -0.85 10.44
C5 ATP K . 11.58 -2.10 9.81
C6 ATP K . 12.32 -2.83 8.88
N6 ATP K . 13.55 -2.33 8.35
N1 ATP K . 11.84 -4.04 8.50
C2 ATP K . 10.71 -4.54 8.96
N3 ATP K . 9.97 -3.90 9.84
C4 ATP K . 10.36 -2.69 10.28
#